data_1C8T
#
_entry.id   1C8T
#
_cell.length_a   120.100
_cell.length_b   47.000
_cell.length_c   54.900
_cell.angle_alpha   90.00
_cell.angle_beta   90.00
_cell.angle_gamma   90.00
#
_symmetry.space_group_name_H-M   'P 21 21 21'
#
loop_
_entity.id
_entity.type
_entity.pdbx_description
1 polymer STROMELYSIN-1
2 non-polymer 'ZINC ION'
3 non-polymer 'CALCIUM ION'
4 non-polymer '2-(2-{2-[(BIPHENYL-4-YLMETHYL)-AMINO]-3-MERCAPTO-PENTANOYLAMINO}-ACETYLAMINO)-3-METHYL-BUTYRIC ACID METHYL ESTER'
5 water water
#
_entity_poly.entity_id   1
_entity_poly.type   'polypeptide(L)'
_entity_poly.pdbx_seq_one_letter_code
;FPGIPKWRKTHLTYRIVNYTPDLPKDAVDSAVEKALKVWEEVTPLTFSRLYEGEADIMISFAVREHGDFYPFDGPGNVLA
HAYAPGPGINGDAHFDDDEQWTKDTTGTNLFLVAAHQIGHSLGLFHSANTEALMYPLYHSLTDLTRFRLSQDDINGIQSL
YGPPPDP
;
_entity_poly.pdbx_strand_id   A,B
#
# COMPACT_ATOMS: atom_id res chain seq x y z
N PHE A 1 0.14 -5.96 -1.70
CA PHE A 1 -0.97 -6.76 -1.10
C PHE A 1 -0.40 -7.97 -0.38
N PRO A 2 0.26 -8.85 -1.12
CA PRO A 2 0.92 -10.04 -0.61
C PRO A 2 2.29 -9.65 -0.06
N GLY A 3 3.06 -10.52 0.56
CA GLY A 3 4.37 -10.15 1.10
C GLY A 3 4.54 -9.26 2.32
N ILE A 4 5.22 -9.73 3.36
CA ILE A 4 5.47 -9.01 4.61
C ILE A 4 6.06 -7.63 4.42
N PRO A 5 5.30 -6.60 4.76
CA PRO A 5 5.65 -5.22 4.46
C PRO A 5 6.36 -4.52 5.61
N LYS A 6 7.65 -4.87 5.72
CA LYS A 6 8.51 -4.37 6.78
C LYS A 6 9.84 -3.90 6.17
N TRP A 7 10.64 -3.14 6.93
CA TRP A 7 11.97 -2.81 6.44
C TRP A 7 12.83 -4.06 6.69
N ARG A 8 13.78 -4.36 5.85
CA ARG A 8 14.60 -5.56 5.93
C ARG A 8 15.89 -5.34 6.70
N LYS A 9 16.20 -4.08 6.89
CA LYS A 9 17.33 -3.56 7.60
C LYS A 9 16.72 -2.94 8.85
N THR A 10 17.54 -2.87 9.90
CA THR A 10 17.13 -2.31 11.19
C THR A 10 17.51 -0.84 11.26
N HIS A 11 18.67 -0.49 10.74
CA HIS A 11 19.17 0.88 10.70
C HIS A 11 18.43 1.75 9.68
N LEU A 12 17.26 2.28 10.04
CA LEU A 12 16.53 3.16 9.12
C LEU A 12 16.96 4.61 9.28
N THR A 13 16.91 5.40 8.21
CA THR A 13 17.30 6.80 8.20
C THR A 13 16.07 7.68 7.96
N TYR A 14 16.15 8.97 8.20
CA TYR A 14 15.05 9.91 8.06
C TYR A 14 15.53 11.36 8.00
N ARG A 15 14.67 12.15 7.35
CA ARG A 15 14.89 13.53 7.07
C ARG A 15 13.66 14.45 7.17
N ILE A 16 13.89 15.46 8.01
CA ILE A 16 12.88 16.54 8.05
C ILE A 16 13.17 17.50 6.89
N VAL A 17 12.31 17.54 5.89
CA VAL A 17 12.50 18.35 4.71
C VAL A 17 12.22 19.83 4.90
N ASN A 18 11.29 20.07 5.83
CA ASN A 18 10.77 21.39 6.06
C ASN A 18 9.94 21.39 7.34
N TYR A 19 9.64 22.62 7.77
CA TYR A 19 8.87 22.80 8.98
C TYR A 19 7.58 23.58 8.86
N THR A 20 6.81 23.57 9.94
CA THR A 20 5.52 24.22 10.04
C THR A 20 5.63 25.56 10.74
N PRO A 21 4.84 26.52 10.31
CA PRO A 21 4.81 27.86 10.91
C PRO A 21 4.26 27.78 12.31
N ASP A 22 3.43 26.74 12.53
CA ASP A 22 2.74 26.54 13.78
C ASP A 22 3.61 26.53 15.02
N LEU A 23 4.79 25.94 14.91
CA LEU A 23 5.60 25.76 16.11
C LEU A 23 7.07 25.99 15.89
N PRO A 24 7.78 26.37 16.92
CA PRO A 24 9.22 26.54 16.76
C PRO A 24 9.82 25.30 16.12
N LYS A 25 10.93 25.45 15.41
CA LYS A 25 11.60 24.34 14.75
C LYS A 25 12.08 23.35 15.78
N ASP A 26 12.79 23.74 16.83
CA ASP A 26 13.20 22.73 17.82
C ASP A 26 12.00 22.02 18.40
N ALA A 27 10.80 22.60 18.31
CA ALA A 27 9.66 21.83 18.86
C ALA A 27 9.47 20.56 18.04
N VAL A 28 9.35 20.79 16.73
CA VAL A 28 9.11 19.85 15.66
C VAL A 28 10.18 18.75 15.61
N ASP A 29 11.43 19.16 15.79
CA ASP A 29 12.52 18.23 15.79
C ASP A 29 12.34 17.26 16.96
N SER A 30 11.99 17.80 18.11
CA SER A 30 11.82 17.01 19.32
C SER A 30 10.59 16.11 19.28
N ALA A 31 9.48 16.60 18.73
CA ALA A 31 8.27 15.78 18.65
C ALA A 31 8.50 14.56 17.73
N VAL A 32 9.48 14.76 16.86
CA VAL A 32 9.85 13.79 15.85
C VAL A 32 10.80 12.77 16.41
N GLU A 33 11.80 13.28 17.17
CA GLU A 33 12.70 12.30 17.81
C GLU A 33 11.91 11.46 18.81
N LYS A 34 10.96 12.00 19.59
CA LYS A 34 10.22 11.15 20.52
C LYS A 34 9.39 10.14 19.71
N ALA A 35 8.77 10.67 18.67
CA ALA A 35 7.95 9.81 17.78
C ALA A 35 8.77 8.57 17.43
N LEU A 36 10.02 8.78 17.00
CA LEU A 36 10.93 7.70 16.66
C LEU A 36 11.31 6.75 17.77
N LYS A 37 11.36 7.27 18.96
CA LYS A 37 11.78 6.58 20.17
C LYS A 37 10.63 5.72 20.68
N VAL A 38 9.42 6.23 20.47
CA VAL A 38 8.25 5.45 20.89
C VAL A 38 8.43 4.07 20.26
N TRP A 39 9.05 3.98 19.10
CA TRP A 39 9.26 2.71 18.41
C TRP A 39 10.63 2.16 18.69
N GLU A 40 11.60 3.01 19.11
CA GLU A 40 12.88 2.38 19.45
C GLU A 40 12.70 1.47 20.66
N GLU A 41 12.09 1.98 21.72
CA GLU A 41 11.91 1.29 22.98
C GLU A 41 11.16 -0.03 22.91
N VAL A 42 10.52 -0.34 21.79
CA VAL A 42 9.70 -1.56 21.76
C VAL A 42 10.14 -2.48 20.64
N THR A 43 11.29 -2.23 20.05
CA THR A 43 11.82 -3.06 18.95
C THR A 43 13.34 -2.96 18.88
N PRO A 44 13.96 -3.57 17.88
CA PRO A 44 15.39 -3.47 17.62
C PRO A 44 15.83 -2.25 16.82
N LEU A 45 14.94 -1.74 16.00
CA LEU A 45 15.18 -0.64 15.09
C LEU A 45 15.94 0.55 15.61
N THR A 46 16.74 1.19 14.76
CA THR A 46 17.47 2.40 15.16
C THR A 46 17.37 3.46 14.06
N PHE A 47 17.19 4.72 14.43
CA PHE A 47 17.11 5.84 13.49
C PHE A 47 18.28 6.81 13.58
N SER A 48 18.67 7.37 12.46
CA SER A 48 19.71 8.34 12.28
C SER A 48 19.24 9.37 11.25
N ARG A 49 19.29 10.65 11.61
CA ARG A 49 18.78 11.73 10.77
C ARG A 49 19.75 12.13 9.69
N LEU A 50 19.22 12.69 8.61
CA LEU A 50 20.05 13.13 7.49
C LEU A 50 19.71 14.59 7.24
N TYR A 51 20.58 15.40 6.66
CA TYR A 51 20.22 16.78 6.39
C TYR A 51 20.32 17.01 4.88
N GLU A 52 20.40 15.90 4.15
CA GLU A 52 20.47 15.99 2.67
C GLU A 52 20.33 14.60 2.09
N GLY A 53 20.03 14.46 0.81
CA GLY A 53 19.97 13.12 0.19
C GLY A 53 18.69 12.43 0.61
N GLU A 54 18.35 11.38 -0.10
CA GLU A 54 17.12 10.65 0.09
C GLU A 54 17.30 9.64 1.23
N ALA A 55 16.39 9.72 2.17
CA ALA A 55 16.26 8.97 3.38
C ALA A 55 15.03 8.05 3.29
N ASP A 56 15.03 7.02 4.14
CA ASP A 56 13.94 6.08 4.21
C ASP A 56 12.62 6.79 4.47
N ILE A 57 12.60 7.45 5.63
CA ILE A 57 11.39 8.18 6.06
C ILE A 57 11.67 9.65 5.77
N MET A 58 11.01 10.16 4.71
CA MET A 58 11.13 11.57 4.35
C MET A 58 10.00 12.31 5.11
N ILE A 59 10.33 13.23 6.02
CA ILE A 59 9.32 13.91 6.81
C ILE A 59 9.10 15.35 6.38
N SER A 60 7.86 15.72 6.03
CA SER A 60 7.63 17.10 5.57
C SER A 60 6.26 17.67 5.88
N PHE A 61 6.09 18.98 5.88
CA PHE A 61 4.76 19.54 6.17
C PHE A 61 4.12 20.05 4.89
N ALA A 62 2.87 19.73 4.56
CA ALA A 62 2.25 20.26 3.34
C ALA A 62 0.76 20.59 3.48
N VAL A 63 0.21 21.03 2.36
CA VAL A 63 -1.17 21.39 2.14
C VAL A 63 -1.69 21.00 0.77
N ARG A 64 -2.91 20.46 0.70
CA ARG A 64 -3.54 20.19 -0.59
C ARG A 64 -2.65 19.38 -1.51
N GLU A 65 -2.79 19.57 -2.84
CA GLU A 65 -2.06 18.67 -3.74
C GLU A 65 -0.58 18.77 -3.46
N HIS A 66 0.22 17.74 -3.10
CA HIS A 66 1.61 18.03 -2.77
C HIS A 66 2.58 16.99 -3.32
N GLY A 67 2.32 16.19 -4.34
CA GLY A 67 3.23 15.28 -4.90
C GLY A 67 2.91 13.80 -4.85
N ASP A 68 1.68 13.48 -4.53
CA ASP A 68 1.29 12.08 -4.39
C ASP A 68 -0.18 11.92 -4.72
N PHE A 69 -0.59 10.64 -4.71
CA PHE A 69 -1.96 10.30 -5.07
C PHE A 69 -2.97 10.89 -4.10
N TYR A 70 -2.52 11.42 -2.97
CA TYR A 70 -3.50 11.90 -2.00
C TYR A 70 -3.30 13.29 -1.45
N PRO A 71 -3.79 14.30 -2.15
CA PRO A 71 -3.74 15.67 -1.68
C PRO A 71 -4.46 15.77 -0.34
N PHE A 72 -3.99 16.64 0.54
CA PHE A 72 -4.60 16.89 1.85
C PHE A 72 -5.88 17.67 1.69
N ASP A 73 -6.79 17.70 2.64
CA ASP A 73 -8.12 18.29 2.47
C ASP A 73 -8.42 19.58 3.19
N GLY A 74 -7.45 20.31 3.72
CA GLY A 74 -7.84 21.55 4.40
C GLY A 74 -7.97 21.20 5.89
N PRO A 75 -8.40 22.15 6.71
CA PRO A 75 -8.48 21.95 8.14
C PRO A 75 -9.50 20.93 8.58
N GLY A 76 -9.10 19.92 9.35
CA GLY A 76 -9.97 18.85 9.79
C GLY A 76 -9.86 17.67 8.83
N ASN A 77 -10.87 16.79 8.96
CA ASN A 77 -10.85 15.59 8.09
C ASN A 77 -9.53 14.89 8.27
N VAL A 78 -8.67 14.74 7.27
CA VAL A 78 -7.36 14.08 7.43
C VAL A 78 -6.25 14.96 7.99
N LEU A 79 -5.44 14.45 8.91
CA LEU A 79 -4.37 15.23 9.52
C LEU A 79 -2.96 14.91 9.03
N ALA A 80 -2.77 13.68 8.55
CA ALA A 80 -1.48 13.18 8.09
C ALA A 80 -1.75 11.81 7.45
N HIS A 81 -0.74 11.16 6.89
CA HIS A 81 -0.78 9.84 6.33
C HIS A 81 0.66 9.40 6.05
N ALA A 82 0.94 8.12 6.01
CA ALA A 82 2.32 7.68 5.80
C ALA A 82 2.27 6.33 5.08
N TYR A 83 3.42 5.97 4.56
CA TYR A 83 3.49 4.86 3.61
C TYR A 83 4.32 3.72 4.16
N ALA A 84 3.93 2.50 3.87
CA ALA A 84 4.66 1.36 4.35
C ALA A 84 6.09 1.44 3.86
N PRO A 85 6.99 0.67 4.48
CA PRO A 85 8.38 0.53 4.06
C PRO A 85 8.59 0.17 2.59
N GLY A 86 9.72 0.46 1.98
CA GLY A 86 10.11 0.18 0.60
C GLY A 86 10.81 1.39 -0.02
N PRO A 87 10.90 1.53 -1.34
CA PRO A 87 11.55 2.63 -2.01
C PRO A 87 10.75 3.91 -2.21
N GLY A 88 11.39 4.97 -2.70
CA GLY A 88 10.80 6.26 -3.00
C GLY A 88 9.82 6.74 -1.95
N ILE A 89 8.60 7.08 -2.41
CA ILE A 89 7.53 7.50 -1.52
C ILE A 89 7.37 6.58 -0.30
N ASN A 90 7.65 5.30 -0.52
CA ASN A 90 7.47 4.33 0.58
C ASN A 90 8.19 4.79 1.82
N GLY A 91 7.70 4.61 3.03
CA GLY A 91 8.36 5.09 4.22
C GLY A 91 8.20 6.56 4.55
N ASP A 92 7.75 7.44 3.67
CA ASP A 92 7.67 8.88 3.96
C ASP A 92 6.47 9.11 4.84
N ALA A 93 6.39 10.31 5.39
CA ALA A 93 5.29 10.68 6.29
C ALA A 93 4.94 12.12 5.90
N HIS A 94 3.66 12.47 5.88
CA HIS A 94 3.34 13.84 5.47
C HIS A 94 2.42 14.55 6.47
N PHE A 95 2.62 15.85 6.69
CA PHE A 95 1.69 16.46 7.67
C PHE A 95 0.95 17.66 7.12
N ASP A 96 -0.35 17.56 7.13
CA ASP A 96 -1.27 18.59 6.64
C ASP A 96 -1.11 19.89 7.44
N ASP A 97 -0.57 20.94 6.85
CA ASP A 97 -0.31 22.13 7.66
C ASP A 97 -1.62 22.91 7.78
N ASP A 98 -2.72 22.39 7.24
CA ASP A 98 -3.96 23.13 7.46
C ASP A 98 -4.40 22.91 8.91
N GLU A 99 -3.74 21.93 9.52
CA GLU A 99 -3.97 21.62 10.92
C GLU A 99 -3.05 22.47 11.77
N GLN A 100 -3.33 22.72 13.04
CA GLN A 100 -2.46 23.55 13.90
C GLN A 100 -1.71 22.70 14.91
N TRP A 101 -0.49 22.35 14.55
CA TRP A 101 0.42 21.50 15.33
C TRP A 101 0.83 22.19 16.62
N THR A 102 0.62 21.55 17.77
CA THR A 102 0.92 22.07 19.07
C THR A 102 1.77 21.10 19.91
N LYS A 103 2.53 21.68 20.82
CA LYS A 103 3.35 21.00 21.78
C LYS A 103 2.53 20.31 22.87
N ASP A 104 1.45 20.98 23.26
CA ASP A 104 0.53 20.59 24.31
C ASP A 104 -0.64 19.85 23.69
N THR A 105 -1.86 20.06 24.20
CA THR A 105 -3.01 19.39 23.58
C THR A 105 -4.09 20.40 23.20
N THR A 106 -3.66 21.62 22.92
CA THR A 106 -4.58 22.65 22.43
C THR A 106 -4.39 22.61 20.90
N GLY A 107 -5.16 21.73 20.28
CA GLY A 107 -4.97 21.56 18.82
C GLY A 107 -4.44 20.12 18.65
N THR A 108 -3.61 19.98 17.61
CA THR A 108 -3.13 18.67 17.19
C THR A 108 -1.65 18.49 17.40
N ASN A 109 -1.36 17.89 18.55
CA ASN A 109 -0.02 17.56 19.02
C ASN A 109 0.79 16.80 17.98
N LEU A 110 1.88 17.41 17.53
CA LEU A 110 2.78 16.83 16.55
C LEU A 110 3.28 15.43 16.88
N PHE A 111 3.67 15.27 18.13
CA PHE A 111 4.24 14.05 18.65
C PHE A 111 3.28 12.89 18.46
N LEU A 112 2.08 12.93 19.05
CA LEU A 112 1.16 11.83 18.93
C LEU A 112 0.98 11.39 17.47
N VAL A 113 0.72 12.37 16.61
CA VAL A 113 0.48 12.10 15.20
C VAL A 113 1.76 11.53 14.61
N ALA A 114 2.86 12.26 14.88
CA ALA A 114 4.12 11.74 14.34
C ALA A 114 4.19 10.29 14.84
N ALA A 115 3.86 10.03 16.07
CA ALA A 115 4.03 8.69 16.64
C ALA A 115 3.21 7.69 15.83
N HIS A 116 1.94 8.02 15.64
CA HIS A 116 1.09 7.14 14.82
C HIS A 116 1.74 6.90 13.46
N GLN A 117 2.02 7.96 12.73
CA GLN A 117 2.62 7.91 11.40
C GLN A 117 3.84 7.05 11.25
N ILE A 118 4.85 7.21 12.09
CA ILE A 118 6.07 6.40 12.02
C ILE A 118 5.67 4.94 11.98
N GLY A 119 4.65 4.61 12.77
CA GLY A 119 4.08 3.28 12.86
C GLY A 119 3.74 2.81 11.45
N HIS A 120 3.00 3.59 10.66
CA HIS A 120 2.72 3.22 9.28
C HIS A 120 4.01 3.01 8.50
N SER A 121 4.88 4.01 8.56
CA SER A 121 6.19 3.98 7.94
C SER A 121 6.89 2.68 8.32
N LEU A 122 6.62 2.19 9.53
CA LEU A 122 7.21 0.94 9.98
C LEU A 122 6.44 -0.30 9.51
N GLY A 123 5.24 -0.16 8.94
CA GLY A 123 4.51 -1.34 8.54
C GLY A 123 3.22 -1.59 9.30
N LEU A 124 2.97 -0.86 10.35
CA LEU A 124 1.75 -1.05 11.15
C LEU A 124 0.54 -0.55 10.40
N PHE A 125 -0.63 -1.07 10.71
CA PHE A 125 -1.91 -0.75 10.16
C PHE A 125 -2.80 -0.06 11.19
N HIS A 126 -3.97 0.38 10.77
CA HIS A 126 -4.88 1.11 11.67
C HIS A 126 -5.44 0.14 12.69
N SER A 127 -6.13 0.59 13.74
CA SER A 127 -6.60 -0.38 14.74
C SER A 127 -8.12 -0.43 14.80
N ALA A 128 -8.60 -1.53 15.37
CA ALA A 128 -10.03 -1.78 15.58
C ALA A 128 -10.22 -1.52 17.08
N ASN A 129 -9.12 -1.87 17.76
CA ASN A 129 -8.95 -1.65 19.18
C ASN A 129 -9.05 -0.13 19.34
N THR A 130 -9.59 0.31 20.46
CA THR A 130 -9.83 1.74 20.62
C THR A 130 -8.85 2.42 21.54
N GLU A 131 -8.14 1.71 22.40
CA GLU A 131 -7.16 2.43 23.25
C GLU A 131 -5.75 2.49 22.66
N ALA A 132 -5.52 2.00 21.46
CA ALA A 132 -4.19 2.00 20.83
C ALA A 132 -3.74 3.27 20.09
N LEU A 133 -2.43 3.29 19.77
CA LEU A 133 -1.85 4.41 19.03
C LEU A 133 -2.35 4.33 17.60
N MET A 134 -2.50 3.15 17.02
CA MET A 134 -3.07 3.02 15.69
C MET A 134 -4.57 3.18 15.51
N TYR A 135 -5.45 3.28 16.49
CA TYR A 135 -6.88 3.53 16.21
C TYR A 135 -7.02 4.77 15.30
N PRO A 136 -7.83 4.70 14.26
CA PRO A 136 -7.91 5.69 13.22
C PRO A 136 -8.31 7.08 13.65
N LEU A 137 -8.92 7.21 14.82
CA LEU A 137 -9.42 8.51 15.27
C LEU A 137 -8.44 9.09 16.29
N TYR A 138 -7.98 10.31 16.01
CA TYR A 138 -7.00 10.90 16.91
C TYR A 138 -7.64 11.36 18.21
N HIS A 139 -6.82 11.45 19.28
CA HIS A 139 -7.37 12.06 20.51
C HIS A 139 -6.25 12.67 21.35
N SER A 140 -6.36 13.88 21.83
CA SER A 140 -5.36 14.53 22.65
C SER A 140 -5.08 13.73 23.92
N LEU A 141 -3.88 13.85 24.47
CA LEU A 141 -3.59 13.13 25.71
C LEU A 141 -2.59 13.89 26.57
N THR A 142 -2.98 14.50 27.69
CA THR A 142 -1.95 15.11 28.54
C THR A 142 -0.84 14.13 29.02
N ASP A 143 0.10 14.77 29.73
CA ASP A 143 1.27 14.26 30.39
C ASP A 143 2.37 13.82 29.44
N LEU A 144 2.05 13.72 28.17
CA LEU A 144 2.91 13.34 27.08
C LEU A 144 4.24 12.67 27.37
N THR A 145 5.13 13.34 28.08
CA THR A 145 6.45 12.82 28.38
C THR A 145 6.34 11.46 29.07
N ARG A 146 5.09 11.13 29.42
CA ARG A 146 4.84 9.85 30.07
C ARG A 146 3.83 9.05 29.22
N PHE A 147 4.13 9.08 27.93
CA PHE A 147 3.29 8.46 26.92
C PHE A 147 3.57 6.95 26.89
N ARG A 148 2.57 6.13 26.57
CA ARG A 148 2.87 4.69 26.46
C ARG A 148 2.13 4.02 25.31
N LEU A 149 2.70 2.93 24.83
CA LEU A 149 2.15 2.10 23.77
C LEU A 149 1.06 1.20 24.34
N SER A 150 0.01 0.88 23.60
CA SER A 150 -0.93 -0.10 24.12
C SER A 150 -0.29 -1.46 23.82
N GLN A 151 -0.94 -2.54 24.25
CA GLN A 151 -0.35 -3.87 23.96
C GLN A 151 -0.67 -4.17 22.51
N ASP A 152 -1.85 -3.72 22.07
CA ASP A 152 -2.22 -3.96 20.66
C ASP A 152 -1.09 -3.49 19.72
N ASP A 153 -0.70 -2.23 19.82
CA ASP A 153 0.36 -1.63 19.05
C ASP A 153 1.66 -2.37 19.33
N ILE A 154 1.74 -2.81 20.59
CA ILE A 154 3.00 -3.48 20.96
C ILE A 154 3.12 -4.79 20.17
N ASN A 155 2.05 -5.58 20.30
CA ASN A 155 1.87 -6.77 19.50
C ASN A 155 1.93 -6.46 18.01
N GLY A 156 1.40 -5.35 17.52
CA GLY A 156 1.42 -5.01 16.11
C GLY A 156 2.84 -4.90 15.55
N ILE A 157 3.64 -4.14 16.29
CA ILE A 157 5.01 -3.87 15.90
C ILE A 157 5.87 -5.10 16.04
N GLN A 158 5.90 -5.80 17.16
CA GLN A 158 6.76 -6.99 17.31
C GLN A 158 6.41 -8.10 16.34
N SER A 159 5.13 -8.22 16.00
CA SER A 159 4.79 -9.23 15.00
C SER A 159 5.75 -9.03 13.82
N LEU A 160 6.21 -7.82 13.55
CA LEU A 160 7.11 -7.51 12.46
C LEU A 160 8.58 -7.48 12.83
N TYR A 161 9.01 -6.90 13.95
CA TYR A 161 10.45 -6.81 14.22
C TYR A 161 10.86 -7.59 15.47
N GLY A 162 9.88 -8.05 16.26
CA GLY A 162 10.19 -8.76 17.49
C GLY A 162 10.50 -7.80 18.64
N PRO A 163 10.94 -8.36 19.77
CA PRO A 163 11.35 -7.62 20.95
C PRO A 163 12.71 -6.94 20.78
N PRO A 164 12.97 -5.87 21.52
CA PRO A 164 14.29 -5.20 21.44
C PRO A 164 15.36 -6.19 21.87
N PRO A 165 16.46 -6.31 21.16
CA PRO A 165 17.56 -7.26 21.42
C PRO A 165 17.51 -7.54 22.92
N ASP A 166 17.75 -6.42 23.56
CA ASP A 166 17.51 -5.93 24.85
C ASP A 166 17.01 -6.76 26.00
N PRO A 167 17.81 -7.60 26.60
CA PRO A 167 17.42 -8.32 27.81
C PRO A 167 17.82 -7.52 29.05
N PHE B 1 -5.95 3.36 5.64
CA PHE B 1 -5.09 4.45 5.11
C PHE B 1 -5.94 5.55 4.48
N PRO B 2 -5.61 6.79 4.82
CA PRO B 2 -6.36 7.92 4.33
C PRO B 2 -6.60 7.79 2.83
N GLY B 3 -7.85 7.46 2.51
CA GLY B 3 -8.28 7.33 1.14
C GLY B 3 -8.18 5.95 0.51
N ILE B 4 -9.31 5.50 -0.04
CA ILE B 4 -9.38 4.22 -0.77
C ILE B 4 -8.64 4.43 -2.08
N PRO B 5 -7.67 3.57 -2.33
CA PRO B 5 -6.86 3.72 -3.53
C PRO B 5 -7.86 3.46 -4.66
N LYS B 6 -8.11 4.49 -5.45
CA LYS B 6 -9.06 4.21 -6.55
C LYS B 6 -8.74 5.15 -7.72
N TRP B 7 -8.99 4.68 -8.95
CA TRP B 7 -8.70 5.60 -10.06
C TRP B 7 -9.74 6.72 -10.02
N ARG B 8 -9.30 7.96 -10.05
CA ARG B 8 -10.21 9.10 -10.03
C ARG B 8 -10.65 9.36 -11.49
N LYS B 9 -10.17 8.50 -12.38
CA LYS B 9 -10.39 8.44 -13.80
C LYS B 9 -11.08 7.08 -14.10
N THR B 10 -11.74 7.01 -15.23
CA THR B 10 -12.54 5.85 -15.65
C THR B 10 -11.94 5.16 -16.88
N HIS B 11 -11.19 5.93 -17.65
CA HIS B 11 -10.60 5.41 -18.88
C HIS B 11 -9.13 5.10 -18.61
N LEU B 12 -8.77 3.85 -18.45
CA LEU B 12 -7.45 3.39 -18.13
C LEU B 12 -6.66 2.57 -19.16
N THR B 13 -5.37 2.84 -19.32
CA THR B 13 -4.54 2.04 -20.18
C THR B 13 -3.77 0.90 -19.49
N TYR B 14 -3.15 0.03 -20.27
CA TYR B 14 -2.24 -0.97 -19.82
C TYR B 14 -1.14 -1.20 -20.85
N ARG B 15 0.02 -1.75 -20.44
CA ARG B 15 1.07 -2.07 -21.40
C ARG B 15 1.64 -3.41 -21.00
N ILE B 16 1.51 -4.40 -21.86
CA ILE B 16 2.10 -5.73 -21.53
C ILE B 16 3.60 -5.68 -21.81
N VAL B 17 4.42 -5.17 -20.92
CA VAL B 17 5.86 -5.02 -21.18
C VAL B 17 6.58 -6.21 -21.78
N ASN B 18 6.17 -7.46 -21.60
CA ASN B 18 6.94 -8.59 -22.14
C ASN B 18 6.17 -9.89 -22.03
N TYR B 19 6.66 -11.03 -22.57
CA TYR B 19 5.73 -12.17 -22.48
C TYR B 19 6.41 -13.37 -21.88
N THR B 20 5.59 -14.25 -21.31
CA THR B 20 6.21 -15.45 -20.68
C THR B 20 6.57 -16.49 -21.72
N PRO B 21 7.52 -17.35 -21.40
CA PRO B 21 7.90 -18.45 -22.27
C PRO B 21 6.82 -19.51 -22.40
N ASP B 22 6.23 -19.78 -21.24
CA ASP B 22 5.22 -20.79 -20.97
C ASP B 22 4.06 -20.68 -21.94
N LEU B 23 3.86 -19.55 -22.58
CA LEU B 23 2.71 -19.53 -23.50
C LEU B 23 2.96 -18.77 -24.79
N PRO B 24 2.12 -19.01 -25.78
CA PRO B 24 2.14 -18.33 -27.08
C PRO B 24 1.71 -16.89 -26.82
N LYS B 25 2.34 -15.86 -27.31
CA LYS B 25 1.90 -14.51 -26.96
C LYS B 25 0.40 -14.32 -27.09
N ASP B 26 -0.17 -14.88 -28.15
CA ASP B 26 -1.62 -14.64 -28.34
C ASP B 26 -2.37 -15.29 -27.19
N ALA B 27 -1.79 -16.27 -26.50
CA ALA B 27 -2.55 -16.79 -25.34
C ALA B 27 -2.50 -15.77 -24.20
N VAL B 28 -1.35 -15.11 -24.07
CA VAL B 28 -1.17 -14.09 -23.03
C VAL B 28 -2.06 -12.87 -23.25
N ASP B 29 -2.12 -12.38 -24.51
CA ASP B 29 -2.97 -11.22 -24.75
C ASP B 29 -4.40 -11.53 -24.34
N SER B 30 -4.96 -12.68 -24.68
CA SER B 30 -6.30 -13.02 -24.24
C SER B 30 -6.44 -12.94 -22.72
N ALA B 31 -5.63 -13.74 -22.01
CA ALA B 31 -5.77 -13.79 -20.56
C ALA B 31 -5.87 -12.38 -20.01
N VAL B 32 -4.92 -11.57 -20.43
CA VAL B 32 -4.86 -10.18 -20.04
C VAL B 32 -6.15 -9.50 -20.49
N GLU B 33 -6.61 -9.80 -21.69
CA GLU B 33 -7.86 -9.23 -22.16
C GLU B 33 -9.10 -9.70 -21.39
N LYS B 34 -9.34 -10.99 -21.17
CA LYS B 34 -10.56 -11.35 -20.45
C LYS B 34 -10.45 -10.83 -19.01
N ALA B 35 -9.25 -10.93 -18.45
CA ALA B 35 -9.07 -10.48 -17.06
C ALA B 35 -9.51 -9.03 -16.93
N LEU B 36 -9.18 -8.19 -17.92
CA LEU B 36 -9.60 -6.80 -17.81
C LEU B 36 -11.12 -6.70 -17.89
N LYS B 37 -11.68 -7.55 -18.73
CA LYS B 37 -13.08 -7.61 -19.02
C LYS B 37 -13.96 -7.99 -17.84
N VAL B 38 -13.45 -8.79 -16.91
CA VAL B 38 -14.34 -9.19 -15.82
C VAL B 38 -14.62 -7.97 -14.95
N TRP B 39 -13.72 -7.01 -15.07
CA TRP B 39 -13.98 -5.80 -14.26
C TRP B 39 -14.75 -4.81 -15.11
N GLU B 40 -14.64 -4.88 -16.43
CA GLU B 40 -15.40 -4.00 -17.29
C GLU B 40 -16.90 -4.35 -17.25
N GLU B 41 -17.20 -5.63 -17.19
CA GLU B 41 -18.56 -6.16 -17.15
C GLU B 41 -19.34 -5.70 -15.92
N VAL B 42 -18.71 -5.52 -14.77
CA VAL B 42 -19.41 -5.11 -13.56
C VAL B 42 -19.18 -3.73 -13.05
N THR B 43 -18.71 -2.77 -13.84
CA THR B 43 -18.42 -1.39 -13.49
C THR B 43 -18.29 -0.49 -14.72
N PRO B 44 -18.01 0.80 -14.64
CA PRO B 44 -17.87 1.64 -15.83
C PRO B 44 -16.45 1.85 -16.29
N LEU B 45 -15.49 1.19 -15.68
CA LEU B 45 -14.09 1.33 -16.06
C LEU B 45 -13.84 0.89 -17.48
N THR B 46 -13.18 1.67 -18.35
CA THR B 46 -12.85 1.21 -19.70
C THR B 46 -11.35 1.19 -19.95
N PHE B 47 -10.80 0.14 -20.59
CA PHE B 47 -9.35 0.03 -20.79
C PHE B 47 -8.81 -0.03 -22.21
N SER B 48 -7.74 0.76 -22.45
CA SER B 48 -7.03 0.88 -23.70
C SER B 48 -5.59 0.43 -23.62
N ARG B 49 -5.04 -0.12 -24.72
CA ARG B 49 -3.70 -0.65 -24.81
C ARG B 49 -2.68 0.37 -25.33
N LEU B 50 -1.48 0.19 -24.79
CA LEU B 50 -0.33 0.97 -25.18
C LEU B 50 0.81 0.01 -25.59
N TYR B 51 1.51 0.30 -26.68
CA TYR B 51 2.64 -0.50 -27.13
C TYR B 51 3.97 0.18 -26.86
N GLU B 52 3.97 1.10 -25.92
CA GLU B 52 5.10 1.91 -25.52
C GLU B 52 4.62 2.98 -24.53
N GLY B 53 5.58 3.53 -23.79
CA GLY B 53 5.30 4.60 -22.87
C GLY B 53 4.74 4.03 -21.59
N GLU B 54 4.80 4.79 -20.51
CA GLU B 54 4.24 4.37 -19.23
C GLU B 54 2.72 4.33 -19.29
N ALA B 55 2.06 3.26 -18.94
CA ALA B 55 0.63 3.05 -18.95
C ALA B 55 0.10 2.99 -17.53
N ASP B 56 -1.18 3.08 -17.18
CA ASP B 56 -1.54 2.97 -15.78
C ASP B 56 -1.00 1.69 -15.15
N ILE B 57 -1.59 0.66 -15.76
CA ILE B 57 -1.31 -0.71 -15.41
C ILE B 57 -0.30 -1.27 -16.37
N MET B 58 0.95 -1.45 -15.94
CA MET B 58 1.96 -2.09 -16.78
C MET B 58 2.08 -3.55 -16.38
N ILE B 59 1.67 -4.48 -17.22
CA ILE B 59 1.79 -5.90 -16.94
C ILE B 59 3.13 -6.45 -17.40
N SER B 60 3.74 -7.36 -16.62
CA SER B 60 5.04 -7.87 -16.99
C SER B 60 5.29 -9.16 -16.26
N PHE B 61 6.37 -9.78 -16.65
CA PHE B 61 6.80 -11.07 -16.19
C PHE B 61 8.20 -11.02 -15.59
N ALA B 62 8.34 -11.47 -14.34
CA ALA B 62 9.59 -11.42 -13.63
C ALA B 62 9.93 -12.70 -12.89
N VAL B 63 11.08 -12.69 -12.24
CA VAL B 63 11.66 -13.81 -11.52
C VAL B 63 12.60 -13.20 -10.49
N ARG B 64 12.64 -13.76 -9.28
CA ARG B 64 13.65 -13.27 -8.31
C ARG B 64 13.61 -11.76 -8.20
N GLU B 65 14.70 -11.03 -8.09
CA GLU B 65 14.71 -9.58 -7.99
C GLU B 65 14.33 -8.98 -9.33
N HIS B 66 13.53 -7.93 -9.39
CA HIS B 66 13.10 -7.38 -10.66
C HIS B 66 12.68 -5.91 -10.62
N GLY B 67 13.20 -5.14 -9.67
CA GLY B 67 12.99 -3.72 -9.61
C GLY B 67 12.10 -3.13 -8.57
N ASP B 68 11.56 -3.90 -7.67
CA ASP B 68 10.62 -3.34 -6.67
C ASP B 68 10.89 -4.03 -5.35
N PHE B 69 10.34 -3.51 -4.27
CA PHE B 69 10.63 -4.04 -2.93
C PHE B 69 10.34 -5.49 -2.69
N TYR B 70 9.63 -6.19 -3.55
CA TYR B 70 9.15 -7.54 -3.36
C TYR B 70 9.62 -8.48 -4.44
N PRO B 71 10.79 -9.06 -4.31
CA PRO B 71 11.30 -10.04 -5.24
C PRO B 71 10.37 -11.24 -5.28
N PHE B 72 10.54 -12.05 -6.34
CA PHE B 72 9.76 -13.30 -6.43
C PHE B 72 10.52 -14.37 -5.69
N ASP B 73 9.94 -15.49 -5.30
CA ASP B 73 10.63 -16.52 -4.53
C ASP B 73 10.69 -17.87 -5.23
N GLY B 74 10.77 -17.92 -6.53
CA GLY B 74 10.76 -19.19 -7.26
C GLY B 74 9.38 -19.85 -7.24
N PRO B 75 9.39 -21.12 -7.65
CA PRO B 75 8.19 -21.93 -7.73
C PRO B 75 7.54 -22.09 -6.37
N GLY B 76 6.26 -21.75 -6.34
CA GLY B 76 5.42 -21.85 -5.17
C GLY B 76 5.18 -20.50 -4.52
N ASN B 77 4.79 -20.58 -3.27
CA ASN B 77 4.45 -19.46 -2.42
C ASN B 77 3.83 -18.40 -3.30
N VAL B 78 4.43 -17.23 -3.51
CA VAL B 78 3.83 -16.20 -4.35
C VAL B 78 3.87 -16.42 -5.85
N LEU B 79 2.74 -16.36 -6.53
CA LEU B 79 2.46 -16.49 -7.93
C LEU B 79 2.50 -15.20 -8.76
N ALA B 80 2.23 -14.10 -8.10
CA ALA B 80 2.16 -12.75 -8.64
C ALA B 80 1.91 -11.75 -7.51
N HIS B 81 1.72 -10.50 -7.82
CA HIS B 81 1.40 -9.40 -6.91
C HIS B 81 1.08 -8.21 -7.80
N ALA B 82 0.27 -7.28 -7.34
CA ALA B 82 -0.13 -6.10 -8.12
C ALA B 82 -0.19 -5.01 -7.04
N TYR B 83 -0.19 -3.80 -7.54
CA TYR B 83 -0.18 -2.63 -6.70
C TYR B 83 -1.39 -1.71 -7.01
N ALA B 84 -1.93 -1.18 -5.95
CA ALA B 84 -3.13 -0.37 -6.00
C ALA B 84 -2.95 0.90 -6.84
N PRO B 85 -4.04 1.56 -7.15
CA PRO B 85 -4.02 2.73 -8.01
C PRO B 85 -3.06 3.81 -7.55
N GLY B 86 -2.52 4.57 -8.52
CA GLY B 86 -1.58 5.63 -8.16
C GLY B 86 -0.56 5.79 -9.29
N PRO B 87 0.30 6.78 -9.18
CA PRO B 87 1.36 7.03 -10.13
C PRO B 87 2.47 5.97 -10.09
N GLY B 88 3.27 5.95 -11.16
CA GLY B 88 4.42 5.09 -11.29
C GLY B 88 4.11 3.61 -11.10
N ILE B 89 4.84 3.01 -10.14
CA ILE B 89 4.79 1.57 -9.97
C ILE B 89 3.39 1.08 -9.62
N ASN B 90 2.60 1.93 -9.00
CA ASN B 90 1.22 1.57 -8.70
C ASN B 90 0.46 1.14 -9.96
N GLY B 91 -0.62 0.38 -9.76
CA GLY B 91 -1.46 -0.10 -10.83
C GLY B 91 -0.84 -1.34 -11.48
N ASP B 92 0.46 -1.44 -11.37
CA ASP B 92 1.19 -2.52 -12.05
C ASP B 92 0.87 -3.90 -11.56
N ALA B 93 1.15 -4.93 -12.32
CA ALA B 93 0.98 -6.32 -11.94
C ALA B 93 2.19 -7.11 -12.46
N HIS B 94 2.86 -7.87 -11.63
CA HIS B 94 3.99 -8.69 -12.08
C HIS B 94 3.74 -10.17 -11.86
N PHE B 95 3.97 -10.99 -12.86
CA PHE B 95 3.86 -12.43 -12.76
C PHE B 95 5.25 -13.07 -12.76
N ASP B 96 5.35 -13.99 -11.82
CA ASP B 96 6.57 -14.79 -11.56
C ASP B 96 6.68 -15.83 -12.66
N ASP B 97 7.75 -15.82 -13.42
CA ASP B 97 7.89 -16.77 -14.50
C ASP B 97 8.46 -18.12 -14.06
N ASP B 98 8.71 -18.25 -12.76
CA ASP B 98 9.19 -19.48 -12.17
C ASP B 98 7.99 -20.38 -11.85
N GLU B 99 6.82 -19.82 -12.12
CA GLU B 99 5.55 -20.55 -12.00
C GLU B 99 5.24 -20.94 -13.46
N GLN B 100 4.45 -21.95 -13.74
CA GLN B 100 4.17 -22.30 -15.13
C GLN B 100 2.82 -21.71 -15.54
N TRP B 101 2.83 -20.79 -16.51
CA TRP B 101 1.50 -20.21 -16.86
C TRP B 101 0.86 -21.13 -17.90
N THR B 102 -0.45 -21.24 -17.77
CA THR B 102 -1.30 -22.11 -18.55
C THR B 102 -2.57 -21.43 -19.01
N LYS B 103 -3.04 -21.85 -20.18
CA LYS B 103 -4.34 -21.39 -20.70
C LYS B 103 -5.38 -22.26 -19.96
N ASP B 104 -4.97 -23.50 -19.70
CA ASP B 104 -5.88 -24.45 -19.08
C ASP B 104 -5.89 -24.49 -17.55
N THR B 105 -5.52 -25.62 -16.99
CA THR B 105 -5.58 -26.01 -15.61
C THR B 105 -4.39 -26.90 -15.23
N THR B 106 -3.42 -27.00 -16.12
CA THR B 106 -2.25 -27.85 -16.00
C THR B 106 -1.61 -27.61 -14.63
N GLY B 107 -1.69 -26.33 -14.26
CA GLY B 107 -1.16 -25.79 -13.02
C GLY B 107 -1.68 -24.39 -12.76
N THR B 108 -0.80 -23.38 -12.77
CA THR B 108 -1.25 -22.00 -12.61
C THR B 108 -1.84 -21.42 -13.88
N ASN B 109 -3.15 -21.15 -13.90
CA ASN B 109 -3.79 -20.56 -15.06
C ASN B 109 -3.64 -19.03 -15.07
N LEU B 110 -3.11 -18.50 -16.19
CA LEU B 110 -2.96 -17.07 -16.30
C LEU B 110 -4.26 -16.29 -16.11
N PHE B 111 -5.29 -16.62 -16.88
CA PHE B 111 -6.52 -15.82 -16.81
C PHE B 111 -6.96 -15.52 -15.36
N LEU B 112 -6.91 -16.55 -14.52
CA LEU B 112 -7.39 -16.53 -13.16
C LEU B 112 -6.53 -15.59 -12.32
N VAL B 113 -5.23 -15.75 -12.21
CA VAL B 113 -4.32 -14.89 -11.46
C VAL B 113 -4.38 -13.44 -11.95
N ALA B 114 -4.19 -13.25 -13.26
CA ALA B 114 -4.38 -11.97 -13.91
C ALA B 114 -5.64 -11.21 -13.45
N ALA B 115 -6.70 -12.00 -13.35
CA ALA B 115 -8.03 -11.44 -13.04
C ALA B 115 -8.07 -10.97 -11.60
N HIS B 116 -7.39 -11.73 -10.75
CA HIS B 116 -7.29 -11.33 -9.33
C HIS B 116 -6.33 -10.15 -9.24
N GLN B 117 -5.23 -10.07 -9.97
CA GLN B 117 -4.31 -8.97 -9.90
C GLN B 117 -4.89 -7.62 -10.27
N ILE B 118 -5.73 -7.65 -11.31
CA ILE B 118 -6.41 -6.42 -11.75
C ILE B 118 -7.30 -5.94 -10.63
N GLY B 119 -7.92 -6.85 -9.87
CA GLY B 119 -8.71 -6.42 -8.69
C GLY B 119 -7.83 -5.48 -7.86
N HIS B 120 -6.66 -6.02 -7.54
CA HIS B 120 -5.69 -5.21 -6.79
C HIS B 120 -5.42 -3.96 -7.63
N SER B 121 -4.94 -4.12 -8.86
CA SER B 121 -4.65 -2.94 -9.68
C SER B 121 -5.81 -1.97 -9.77
N LEU B 122 -7.01 -2.38 -9.40
CA LEU B 122 -8.16 -1.45 -9.40
C LEU B 122 -8.38 -0.91 -7.98
N GLY B 123 -8.09 -1.70 -6.96
CA GLY B 123 -8.22 -1.17 -5.58
C GLY B 123 -8.73 -2.20 -4.59
N LEU B 124 -8.86 -3.43 -5.06
CA LEU B 124 -9.37 -4.54 -4.30
C LEU B 124 -8.33 -5.22 -3.46
N PHE B 125 -8.77 -5.52 -2.22
CA PHE B 125 -7.95 -6.17 -1.24
C PHE B 125 -8.37 -7.64 -1.15
N HIS B 126 -7.74 -8.47 -0.29
CA HIS B 126 -8.31 -9.84 -0.26
C HIS B 126 -9.62 -9.95 0.54
N SER B 127 -10.38 -10.97 0.13
CA SER B 127 -11.68 -11.30 0.65
C SER B 127 -11.51 -12.50 1.57
N ALA B 128 -12.37 -12.69 2.54
CA ALA B 128 -12.15 -13.85 3.44
C ALA B 128 -13.06 -15.00 3.01
N ASN B 129 -13.79 -14.75 1.92
CA ASN B 129 -14.70 -15.73 1.34
C ASN B 129 -14.07 -16.77 0.42
N THR B 130 -14.18 -18.00 0.84
CA THR B 130 -13.72 -19.19 0.18
C THR B 130 -14.09 -19.21 -1.29
N GLU B 131 -15.29 -18.81 -1.66
CA GLU B 131 -15.65 -18.78 -3.07
C GLU B 131 -15.21 -17.58 -3.90
N ALA B 132 -14.66 -16.50 -3.35
CA ALA B 132 -14.45 -15.29 -4.19
C ALA B 132 -13.14 -15.19 -4.97
N LEU B 133 -13.07 -14.30 -5.95
CA LEU B 133 -11.94 -14.06 -6.79
C LEU B 133 -10.75 -13.39 -6.08
N MET B 134 -11.03 -12.43 -5.23
CA MET B 134 -9.99 -11.79 -4.42
C MET B 134 -9.57 -12.54 -3.17
N TYR B 135 -9.88 -13.81 -3.08
CA TYR B 135 -9.44 -14.63 -1.94
C TYR B 135 -7.94 -14.73 -2.05
N PRO B 136 -7.22 -14.77 -0.94
CA PRO B 136 -5.77 -14.77 -0.95
C PRO B 136 -5.09 -16.00 -1.47
N LEU B 137 -5.72 -17.16 -1.51
CA LEU B 137 -5.05 -18.38 -1.96
C LEU B 137 -5.62 -18.99 -3.22
N TYR B 138 -4.81 -19.16 -4.25
CA TYR B 138 -5.21 -19.65 -5.57
C TYR B 138 -5.85 -21.02 -5.50
N HIS B 139 -6.76 -21.28 -6.41
CA HIS B 139 -7.62 -22.44 -6.55
C HIS B 139 -8.02 -22.56 -8.02
N SER B 140 -7.90 -23.72 -8.63
CA SER B 140 -8.21 -23.96 -10.02
C SER B 140 -9.53 -24.68 -10.29
N LEU B 141 -10.15 -24.13 -11.33
CA LEU B 141 -11.40 -24.49 -11.93
C LEU B 141 -11.30 -25.52 -13.04
N THR B 142 -11.70 -26.73 -12.68
CA THR B 142 -11.81 -27.86 -13.57
C THR B 142 -12.43 -27.45 -14.91
N ASP B 143 -13.16 -26.33 -14.86
CA ASP B 143 -13.86 -25.88 -16.07
C ASP B 143 -13.96 -24.37 -16.08
N LEU B 144 -13.00 -23.81 -16.80
CA LEU B 144 -12.75 -22.38 -16.93
C LEU B 144 -14.04 -21.62 -17.16
N THR B 145 -14.91 -22.21 -17.96
CA THR B 145 -16.22 -21.67 -18.33
C THR B 145 -17.07 -21.39 -17.10
N ARG B 146 -17.25 -22.41 -16.25
CA ARG B 146 -18.01 -22.05 -15.04
C ARG B 146 -16.98 -21.27 -14.18
N PHE B 147 -16.85 -19.97 -14.43
CA PHE B 147 -16.06 -18.98 -13.77
C PHE B 147 -16.93 -17.70 -13.70
N ARG B 148 -17.06 -17.15 -12.51
CA ARG B 148 -17.90 -15.97 -12.36
C ARG B 148 -17.39 -15.10 -11.22
N LEU B 149 -17.77 -13.84 -11.24
CA LEU B 149 -17.32 -12.93 -10.18
C LEU B 149 -18.22 -13.22 -9.00
N SER B 150 -17.77 -13.99 -8.00
CA SER B 150 -18.60 -14.19 -6.82
C SER B 150 -19.23 -12.83 -6.48
N GLN B 151 -20.45 -12.83 -5.96
CA GLN B 151 -21.07 -11.49 -5.70
C GLN B 151 -20.31 -10.81 -4.56
N ASP B 152 -19.17 -11.48 -4.16
CA ASP B 152 -18.37 -10.84 -3.11
C ASP B 152 -17.43 -9.86 -3.81
N ASP B 153 -16.90 -10.33 -4.94
CA ASP B 153 -16.03 -9.55 -5.79
C ASP B 153 -16.75 -8.40 -6.48
N ILE B 154 -17.99 -8.71 -6.86
CA ILE B 154 -18.80 -7.69 -7.58
C ILE B 154 -19.04 -6.50 -6.68
N ASN B 155 -19.61 -6.70 -5.49
CA ASN B 155 -19.92 -5.54 -4.66
C ASN B 155 -18.64 -4.75 -4.36
N GLY B 156 -17.69 -5.45 -3.74
CA GLY B 156 -16.38 -4.93 -3.42
C GLY B 156 -15.88 -3.93 -4.48
N ILE B 157 -15.81 -4.42 -5.71
CA ILE B 157 -15.38 -3.62 -6.84
C ILE B 157 -16.44 -2.56 -7.17
N GLN B 158 -17.73 -2.92 -7.09
CA GLN B 158 -18.69 -1.84 -7.38
C GLN B 158 -18.65 -0.79 -6.28
N SER B 159 -18.53 -1.18 -5.00
CA SER B 159 -18.41 -0.19 -3.94
C SER B 159 -17.31 0.80 -4.30
N LEU B 160 -16.49 0.54 -5.31
CA LEU B 160 -15.44 1.48 -5.71
C LEU B 160 -15.74 2.22 -7.01
N TYR B 161 -16.42 1.57 -7.96
CA TYR B 161 -16.72 2.27 -9.20
C TYR B 161 -18.21 2.26 -9.54
N GLY B 162 -19.00 1.51 -8.80
CA GLY B 162 -20.43 1.43 -9.07
C GLY B 162 -20.71 0.46 -10.24
N PRO B 163 -21.99 0.27 -10.52
CA PRO B 163 -22.46 -0.63 -11.55
C PRO B 163 -22.23 -0.04 -12.93
N PRO B 164 -22.24 -0.89 -13.94
CA PRO B 164 -21.93 -0.58 -15.30
C PRO B 164 -22.29 0.74 -15.91
N PRO B 165 -23.48 1.26 -15.73
CA PRO B 165 -23.96 2.51 -16.26
C PRO B 165 -23.00 3.52 -16.85
N ASP B 166 -21.72 3.55 -16.68
CA ASP B 166 -20.69 4.36 -17.27
C ASP B 166 -20.08 5.54 -16.53
N PRO B 167 -20.15 5.70 -15.22
CA PRO B 167 -19.55 6.84 -14.53
C PRO B 167 -18.05 6.94 -14.70
#